data_9JRZ
#
_entry.id   9JRZ
#
_cell.length_a   78.927
_cell.length_b   78.927
_cell.length_c   233.574
_cell.angle_alpha   90
_cell.angle_beta   90
_cell.angle_gamma   120
#
_symmetry.space_group_name_H-M   'H 3 2'
#
loop_
_entity.id
_entity.type
_entity.pdbx_description
1 polymer "S-methyl-5'-thioadenosine phosphorylase"
2 non-polymer DI(HYDROXYETHYL)ETHER
3 non-polymer 'PHOSPHATE ION'
4 non-polymer "5'-DEOXY-5'-METHYLTHIOADENOSINE"
5 water water
#
_entity_poly.entity_id   1
_entity_poly.type   'polypeptide(L)'
_entity_poly.pdbx_seq_one_letter_code
;MFEITRPPGVRAHVGVIGGSGLYDPGIVENPVEVKVSTPYGNPSDFIVVGDVAGVKVAFLPRHGRGHRIPPHAINYRANI
WALKALGVKWVISVSAVGSLREDYRPGDFVVPDQFIDMTKNRRHYTFYDGPVTVHVSMADPFCEDLRQRLIDSGRRLGYT
VHERGTYVCIEGPRFSTRAESRVWKDVFKADIIGMTLVPEINLACEAQLCYATLAMVTDYDVWADRPVTAEEVERVMISN
VERARRMLYDVIPKLAGEPELERCSCCRALDTAAI
;
_entity_poly.pdbx_strand_id   A
#
loop_
_chem_comp.id
_chem_comp.type
_chem_comp.name
_chem_comp.formula
MTA non-polymer 5'-DEOXY-5'-METHYLTHIOADENOSINE 'C11 H15 N5 O3 S'
PEG non-polymer DI(HYDROXYETHYL)ETHER 'C4 H10 O3'
PO4 non-polymer 'PHOSPHATE ION' 'O4 P -3'
#
# COMPACT_ATOMS: atom_id res chain seq x y z
N GLU A 3 4.72 17.32 12.55
CA GLU A 3 5.05 18.50 13.39
C GLU A 3 4.91 19.80 12.56
N ILE A 4 5.93 20.18 11.77
CA ILE A 4 5.81 21.36 10.92
C ILE A 4 5.40 20.96 9.51
N THR A 5 4.45 21.70 8.93
CA THR A 5 4.10 21.50 7.53
C THR A 5 4.20 22.84 6.82
N ARG A 6 4.47 22.77 5.53
CA ARG A 6 4.43 23.95 4.66
C ARG A 6 3.57 23.58 3.46
N PRO A 7 2.42 24.24 3.22
CA PRO A 7 1.91 25.30 4.08
C PRO A 7 1.44 24.80 5.44
N PRO A 8 1.29 25.67 6.46
CA PRO A 8 0.87 25.24 7.80
C PRO A 8 -0.61 24.88 7.89
N GLY A 9 -0.94 24.01 8.86
CA GLY A 9 -2.32 23.78 9.25
C GLY A 9 -3.02 22.71 8.44
N VAL A 10 -2.31 22.05 7.50
CA VAL A 10 -2.96 21.11 6.60
C VAL A 10 -3.22 19.81 7.35
N ARG A 11 -4.37 19.19 7.06
CA ARG A 11 -4.82 17.96 7.69
C ARG A 11 -5.52 17.14 6.59
N ALA A 12 -5.54 15.82 6.78
CA ALA A 12 -6.25 14.92 5.87
C ALA A 12 -6.80 13.72 6.63
N HIS A 13 -7.80 13.04 6.06
CA HIS A 13 -8.46 11.94 6.76
C HIS A 13 -8.13 10.59 6.15
N VAL A 14 -7.96 10.57 4.82
CA VAL A 14 -7.65 9.36 4.08
C VAL A 14 -6.33 9.57 3.34
N GLY A 15 -5.46 8.56 3.40
CA GLY A 15 -4.22 8.58 2.67
C GLY A 15 -4.31 7.54 1.54
N VAL A 16 -3.78 7.90 0.39
CA VAL A 16 -3.66 6.97 -0.72
C VAL A 16 -2.19 6.94 -1.09
N ILE A 17 -1.61 5.74 -1.08
CA ILE A 17 -0.25 5.52 -1.51
C ILE A 17 -0.31 4.83 -2.85
N GLY A 18 0.18 5.54 -3.86
CA GLY A 18 0.15 5.03 -5.20
C GLY A 18 1.44 4.35 -5.56
N GLY A 19 1.28 3.22 -6.27
CA GLY A 19 2.37 2.35 -6.67
C GLY A 19 2.72 2.59 -8.14
N SER A 20 3.11 1.50 -8.80
CA SER A 20 3.51 1.57 -10.19
C SER A 20 2.34 2.11 -11.01
N GLY A 21 2.64 3.03 -11.90
CA GLY A 21 1.66 3.61 -12.80
C GLY A 21 0.81 4.72 -12.17
N LEU A 22 0.91 4.95 -10.86
CA LEU A 22 0.01 5.92 -10.23
C LEU A 22 0.85 7.01 -9.53
N TYR A 23 1.26 8.01 -10.31
CA TYR A 23 2.17 9.04 -9.87
C TYR A 23 1.44 10.33 -9.58
N ASP A 24 0.26 10.51 -10.17
CA ASP A 24 -0.50 11.71 -9.91
C ASP A 24 -1.84 11.26 -9.31
N PRO A 25 -2.46 12.13 -8.47
CA PRO A 25 -3.71 11.77 -7.82
C PRO A 25 -4.77 11.39 -8.84
N GLY A 26 -4.96 12.33 -9.80
CA GLY A 26 -6.09 12.34 -10.72
C GLY A 26 -7.37 12.79 -10.04
N ILE A 27 -7.61 12.26 -8.83
CA ILE A 27 -8.94 12.21 -8.22
C ILE A 27 -9.20 13.39 -7.28
N VAL A 28 -8.18 14.16 -6.87
CA VAL A 28 -8.38 15.14 -5.82
C VAL A 28 -8.69 16.48 -6.46
N GLU A 29 -9.71 17.17 -5.93
CA GLU A 29 -10.02 18.55 -6.28
C GLU A 29 -9.27 19.51 -5.36
N ASN A 30 -8.95 20.69 -5.89
CA ASN A 30 -8.43 21.75 -5.04
C ASN A 30 -7.06 21.36 -4.48
N PRO A 31 -6.14 20.81 -5.32
CA PRO A 31 -4.91 20.21 -4.82
C PRO A 31 -3.91 21.22 -4.29
N VAL A 32 -3.26 20.86 -3.19
CA VAL A 32 -2.18 21.64 -2.61
C VAL A 32 -1.03 20.66 -2.39
N GLU A 33 0.18 21.04 -2.78
CA GLU A 33 1.36 20.24 -2.50
C GLU A 33 1.87 20.64 -1.13
N VAL A 34 2.15 19.64 -0.29
CA VAL A 34 2.52 19.88 1.09
C VAL A 34 3.87 19.25 1.38
N LYS A 35 4.73 19.99 2.08
CA LYS A 35 5.96 19.45 2.69
C LYS A 35 5.66 19.16 4.16
N VAL A 36 5.96 17.94 4.60
CA VAL A 36 5.73 17.53 5.99
C VAL A 36 7.05 17.10 6.61
N SER A 37 7.45 17.76 7.71
CA SER A 37 8.72 17.41 8.34
CA SER A 37 8.70 17.44 8.38
C SER A 37 8.60 16.01 8.93
N THR A 38 9.69 15.24 8.81
CA THR A 38 9.77 13.95 9.46
C THR A 38 11.15 13.84 10.08
N PRO A 39 11.32 13.02 11.13
CA PRO A 39 12.63 12.80 11.70
C PRO A 39 13.52 11.96 10.82
N TYR A 40 13.00 11.45 9.70
CA TYR A 40 13.72 10.51 8.84
C TYR A 40 14.09 11.11 7.48
N GLY A 41 13.86 12.40 7.35
CA GLY A 41 14.12 13.14 6.11
C GLY A 41 12.96 13.08 5.14
N ASN A 42 13.29 13.16 3.84
CA ASN A 42 12.30 13.38 2.81
C ASN A 42 11.42 12.15 2.57
N PRO A 43 10.07 12.32 2.54
CA PRO A 43 9.21 11.36 1.89
C PRO A 43 9.50 11.28 0.39
N SER A 44 8.88 10.32 -0.28
CA SER A 44 9.14 10.07 -1.69
C SER A 44 8.90 11.28 -2.58
N ASP A 45 7.92 12.12 -2.24
CA ASP A 45 7.66 13.31 -2.99
C ASP A 45 6.81 14.23 -2.11
N PHE A 46 6.40 15.34 -2.68
CA PHE A 46 5.35 16.13 -2.04
C PHE A 46 4.11 15.26 -1.86
N ILE A 47 3.39 15.57 -0.79
CA ILE A 47 2.09 14.96 -0.58
C ILE A 47 1.09 15.94 -1.17
N VAL A 48 0.14 15.41 -1.93
CA VAL A 48 -0.89 16.23 -2.51
C VAL A 48 -2.16 16.07 -1.70
N VAL A 49 -2.67 17.18 -1.18
CA VAL A 49 -3.87 17.15 -0.35
C VAL A 49 -4.99 17.87 -1.07
N GLY A 50 -6.15 17.23 -1.10
CA GLY A 50 -7.33 17.81 -1.67
C GLY A 50 -8.58 17.07 -1.23
N ASP A 51 -9.69 17.42 -1.89
CA ASP A 51 -11.01 16.94 -1.51
C ASP A 51 -11.55 15.94 -2.52
N VAL A 52 -12.19 14.89 -1.99
CA VAL A 52 -13.00 14.01 -2.80
C VAL A 52 -14.38 13.88 -2.15
N ALA A 53 -15.39 14.52 -2.76
CA ALA A 53 -16.76 14.51 -2.26
C ALA A 53 -16.81 14.80 -0.75
N GLY A 54 -16.08 15.83 -0.34
CA GLY A 54 -16.13 16.33 1.02
C GLY A 54 -15.18 15.62 1.97
N VAL A 55 -14.42 14.62 1.48
CA VAL A 55 -13.46 13.96 2.34
C VAL A 55 -12.06 14.45 1.96
N LYS A 56 -11.25 14.77 2.98
CA LYS A 56 -9.92 15.26 2.69
C LYS A 56 -8.97 14.09 2.53
N VAL A 57 -8.26 14.11 1.40
CA VAL A 57 -7.40 13.01 0.97
C VAL A 57 -5.97 13.52 0.79
N ALA A 58 -5.02 12.69 1.23
CA ALA A 58 -3.59 12.89 1.04
C ALA A 58 -3.06 11.83 0.08
N PHE A 59 -2.47 12.26 -1.02
CA PHE A 59 -1.93 11.32 -2.00
C PHE A 59 -0.40 11.40 -1.99
N LEU A 60 0.24 10.23 -1.95
CA LEU A 60 1.69 10.10 -1.97
C LEU A 60 2.06 9.03 -2.98
N PRO A 61 2.87 9.34 -4.00
CA PRO A 61 3.38 8.29 -4.86
C PRO A 61 4.59 7.65 -4.24
N ARG A 62 4.56 6.37 -3.90
CA ARG A 62 5.67 5.78 -3.17
C ARG A 62 6.97 5.83 -3.96
N HIS A 63 6.88 5.77 -5.29
CA HIS A 63 8.09 5.79 -6.13
C HIS A 63 8.51 7.20 -6.56
N GLY A 64 7.80 8.22 -6.07
CA GLY A 64 7.98 9.61 -6.50
C GLY A 64 7.38 9.83 -7.89
N ARG A 65 7.10 11.09 -8.23
CA ARG A 65 6.73 11.39 -9.59
C ARG A 65 7.82 10.86 -10.53
N GLY A 66 7.40 10.27 -11.65
CA GLY A 66 8.36 9.77 -12.64
C GLY A 66 9.00 8.43 -12.30
N HIS A 67 8.55 7.76 -11.23
CA HIS A 67 9.02 6.47 -10.81
C HIS A 67 10.53 6.52 -10.60
N ARG A 68 10.95 7.46 -9.75
CA ARG A 68 12.34 7.76 -9.53
C ARG A 68 12.98 6.92 -8.42
N ILE A 69 12.17 6.22 -7.62
CA ILE A 69 12.68 5.57 -6.43
C ILE A 69 12.28 4.09 -6.44
N PRO A 70 13.25 3.16 -6.60
CA PRO A 70 12.93 1.74 -6.60
C PRO A 70 12.55 1.26 -5.21
N PRO A 71 11.93 0.06 -5.09
CA PRO A 71 11.41 -0.44 -3.82
C PRO A 71 12.39 -0.42 -2.66
N HIS A 72 13.65 -0.78 -2.91
CA HIS A 72 14.63 -0.90 -1.85
C HIS A 72 15.14 0.44 -1.33
N ALA A 73 14.90 1.54 -2.06
CA ALA A 73 15.43 2.85 -1.75
C ALA A 73 14.34 3.78 -1.21
N ILE A 74 13.11 3.29 -1.12
CA ILE A 74 12.05 4.13 -0.56
C ILE A 74 12.27 4.38 0.93
N ASN A 75 12.04 5.64 1.34
CA ASN A 75 12.07 6.01 2.75
C ASN A 75 10.70 5.73 3.36
N TYR A 76 10.50 4.45 3.72
CA TYR A 76 9.22 4.00 4.23
C TYR A 76 8.86 4.70 5.53
N ARG A 77 9.85 4.91 6.41
CA ARG A 77 9.56 5.59 7.67
CA ARG A 77 9.58 5.60 7.67
C ARG A 77 9.05 7.01 7.42
N ALA A 78 9.71 7.79 6.57
CA ALA A 78 9.27 9.15 6.31
C ALA A 78 7.86 9.16 5.71
N ASN A 79 7.59 8.25 4.79
CA ASN A 79 6.29 8.20 4.14
C ASN A 79 5.14 8.01 5.14
N ILE A 80 5.27 7.03 6.02
CA ILE A 80 4.20 6.72 6.94
C ILE A 80 4.14 7.77 8.03
N TRP A 81 5.30 8.26 8.51
CA TRP A 81 5.28 9.32 9.49
C TRP A 81 4.53 10.53 8.93
N ALA A 82 4.81 10.89 7.66
CA ALA A 82 4.18 12.06 7.08
C ALA A 82 2.66 11.91 7.02
N LEU A 83 2.14 10.75 6.62
CA LEU A 83 0.71 10.55 6.57
C LEU A 83 0.09 10.63 7.96
N LYS A 84 0.75 10.02 8.94
CA LYS A 84 0.25 10.05 10.31
C LYS A 84 0.16 11.49 10.82
N ALA A 85 1.20 12.27 10.52
CA ALA A 85 1.28 13.65 10.97
C ALA A 85 0.13 14.48 10.45
N LEU A 86 -0.38 14.16 9.27
CA LEU A 86 -1.48 14.91 8.67
C LEU A 86 -2.82 14.49 9.26
N GLY A 87 -2.85 13.43 10.05
CA GLY A 87 -4.09 13.09 10.77
C GLY A 87 -4.86 11.95 10.12
N VAL A 88 -4.27 11.26 9.13
CA VAL A 88 -5.06 10.29 8.39
C VAL A 88 -5.36 9.11 9.30
N LYS A 89 -6.49 8.45 9.04
CA LYS A 89 -6.94 7.28 9.79
C LYS A 89 -6.98 6.03 8.91
N TRP A 90 -7.21 6.25 7.62
CA TRP A 90 -7.34 5.19 6.61
C TRP A 90 -6.23 5.36 5.59
N VAL A 91 -5.64 4.27 5.17
CA VAL A 91 -4.62 4.29 4.14
C VAL A 91 -4.94 3.18 3.15
N ILE A 92 -5.19 3.60 1.91
CA ILE A 92 -5.34 2.70 0.78
C ILE A 92 -4.04 2.69 0.00
N SER A 93 -3.43 1.52 -0.08
CA SER A 93 -2.30 1.33 -0.96
C SER A 93 -2.77 0.72 -2.27
N VAL A 94 -2.30 1.24 -3.41
CA VAL A 94 -2.56 0.66 -4.71
C VAL A 94 -1.22 0.15 -5.26
N SER A 95 -1.18 -1.14 -5.60
CA SER A 95 0.04 -1.83 -5.97
C SER A 95 -0.16 -2.72 -7.19
N ALA A 96 0.91 -2.82 -7.97
CA ALA A 96 1.02 -3.82 -9.01
C ALA A 96 1.63 -5.09 -8.44
N VAL A 97 1.05 -6.24 -8.77
CA VAL A 97 1.55 -7.52 -8.30
C VAL A 97 1.61 -8.53 -9.44
N GLY A 98 2.49 -9.51 -9.26
CA GLY A 98 2.45 -10.68 -10.11
C GLY A 98 1.54 -11.75 -9.52
N SER A 99 1.03 -12.63 -10.37
CA SER A 99 0.21 -13.76 -9.97
C SER A 99 0.98 -15.08 -10.02
N LEU A 100 0.75 -15.92 -9.02
CA LEU A 100 1.29 -17.26 -8.91
C LEU A 100 0.20 -18.29 -9.09
N ARG A 101 -0.95 -17.90 -9.65
CA ARG A 101 -2.01 -18.85 -9.89
C ARG A 101 -2.83 -18.43 -11.11
N GLU A 102 -3.27 -19.43 -11.89
CA GLU A 102 -3.88 -19.22 -13.19
C GLU A 102 -5.12 -18.33 -13.10
N ASP A 103 -5.89 -18.49 -12.02
CA ASP A 103 -7.19 -17.84 -11.91
C ASP A 103 -7.09 -16.41 -11.42
N TYR A 104 -5.91 -15.99 -10.94
CA TYR A 104 -5.70 -14.58 -10.65
C TYR A 104 -5.05 -13.96 -11.89
N ARG A 105 -5.86 -13.37 -12.77
CA ARG A 105 -5.42 -13.06 -14.11
C ARG A 105 -5.03 -11.60 -14.22
N PRO A 106 -4.13 -11.26 -15.16
CA PRO A 106 -3.80 -9.87 -15.44
C PRO A 106 -5.07 -9.06 -15.66
N GLY A 107 -5.20 -7.96 -14.93
CA GLY A 107 -6.36 -7.13 -15.02
C GLY A 107 -7.29 -7.31 -13.83
N ASP A 108 -7.14 -8.41 -13.10
CA ASP A 108 -8.00 -8.63 -11.94
C ASP A 108 -7.45 -7.85 -10.76
N PHE A 109 -8.34 -7.39 -9.87
CA PHE A 109 -7.91 -6.88 -8.58
C PHE A 109 -7.85 -8.02 -7.56
N VAL A 110 -6.96 -7.81 -6.59
CA VAL A 110 -6.86 -8.66 -5.41
C VAL A 110 -6.81 -7.76 -4.18
N VAL A 111 -7.54 -8.16 -3.13
CA VAL A 111 -7.46 -7.53 -1.83
C VAL A 111 -6.84 -8.55 -0.88
N PRO A 112 -5.50 -8.56 -0.73
CA PRO A 112 -4.87 -9.61 0.08
C PRO A 112 -5.23 -9.52 1.56
N ASP A 113 -5.08 -10.64 2.24
CA ASP A 113 -5.35 -10.75 3.66
C ASP A 113 -4.13 -11.22 4.44
N GLN A 114 -3.10 -11.71 3.76
CA GLN A 114 -1.91 -12.18 4.43
C GLN A 114 -0.66 -11.79 3.64
N PHE A 115 0.49 -11.89 4.28
CA PHE A 115 1.76 -11.71 3.58
C PHE A 115 2.83 -12.60 4.19
N ILE A 116 3.89 -12.79 3.40
CA ILE A 116 5.13 -13.43 3.79
C ILE A 116 6.27 -12.49 3.38
N ASP A 117 7.10 -12.08 4.35
CA ASP A 117 8.18 -11.16 4.09
C ASP A 117 9.49 -11.87 3.72
N MET A 118 9.88 -11.75 2.46
CA MET A 118 11.14 -12.31 2.01
C MET A 118 12.08 -11.19 1.59
N THR A 119 11.89 -9.97 2.11
CA THR A 119 12.86 -8.89 1.92
C THR A 119 14.10 -9.13 2.80
N LYS A 120 15.15 -8.34 2.51
CA LYS A 120 16.35 -8.41 3.28
C LYS A 120 17.05 -7.07 3.49
N ASN A 121 16.83 -6.10 2.62
CA ASN A 121 17.72 -4.94 2.55
C ASN A 121 16.98 -3.63 2.79
N ARG A 122 15.92 -3.63 3.62
CA ARG A 122 15.13 -2.43 3.80
C ARG A 122 15.57 -1.59 4.98
N ARG A 123 16.56 -2.06 5.77
CA ARG A 123 17.33 -1.29 6.75
C ARG A 123 16.57 -0.97 8.04
N HIS A 124 15.28 -0.64 7.97
CA HIS A 124 14.46 -0.38 9.14
C HIS A 124 13.09 -1.00 8.92
N TYR A 125 12.73 -1.89 9.85
CA TYR A 125 11.48 -2.66 9.76
C TYR A 125 10.47 -2.21 10.81
N THR A 126 10.79 -1.13 11.52
CA THR A 126 10.03 -0.62 12.65
C THR A 126 10.38 0.84 12.83
N PHE A 127 9.52 1.53 13.59
CA PHE A 127 9.82 2.83 14.15
C PHE A 127 10.49 2.75 15.53
N TYR A 128 10.46 1.59 16.20
CA TYR A 128 10.83 1.51 17.61
C TYR A 128 12.15 0.77 17.80
N ASP A 129 13.22 1.55 18.00
CA ASP A 129 14.55 1.02 18.21
C ASP A 129 15.00 1.11 19.67
N GLY A 130 14.04 1.43 20.56
CA GLY A 130 14.32 1.60 21.97
C GLY A 130 14.27 3.08 22.32
N PRO A 131 14.07 3.47 23.59
CA PRO A 131 14.09 2.57 24.75
C PRO A 131 12.79 1.88 25.12
N VAL A 132 11.71 2.24 24.42
CA VAL A 132 10.44 1.58 24.51
C VAL A 132 10.43 0.54 23.40
N THR A 133 10.42 -0.72 23.82
CA THR A 133 10.44 -1.85 22.90
C THR A 133 9.00 -2.16 22.53
N VAL A 134 8.77 -2.31 21.23
CA VAL A 134 7.42 -2.46 20.69
C VAL A 134 7.40 -3.65 19.74
N HIS A 135 6.52 -4.59 20.02
CA HIS A 135 6.35 -5.81 19.24
C HIS A 135 4.87 -5.96 18.88
N VAL A 136 4.47 -5.40 17.74
CA VAL A 136 3.08 -5.43 17.35
C VAL A 136 2.70 -6.82 16.85
N SER A 137 1.45 -7.19 17.15
CA SER A 137 0.83 -8.39 16.64
CA SER A 137 0.83 -8.38 16.64
C SER A 137 0.36 -8.13 15.21
N MET A 138 0.73 -9.00 14.29
CA MET A 138 0.35 -8.85 12.90
C MET A 138 -0.18 -10.16 12.35
N ALA A 139 -0.85 -10.94 13.19
CA ALA A 139 -1.42 -12.21 12.77
C ALA A 139 -2.36 -12.01 11.59
N ASP A 140 -3.19 -10.97 11.71
CA ASP A 140 -4.09 -10.48 10.68
C ASP A 140 -3.67 -9.06 10.32
N PRO A 141 -2.74 -8.94 9.35
CA PRO A 141 -2.00 -7.70 9.22
C PRO A 141 -2.73 -6.54 8.56
N PHE A 142 -3.78 -6.80 7.74
CA PHE A 142 -4.50 -5.75 7.05
C PHE A 142 -5.74 -5.37 7.85
N CYS A 143 -6.25 -4.18 7.55
CA CYS A 143 -7.43 -3.66 8.22
C CYS A 143 -8.68 -4.20 7.52
N GLU A 144 -9.45 -5.01 8.25
CA GLU A 144 -10.53 -5.76 7.68
C GLU A 144 -11.66 -4.83 7.24
N ASP A 145 -11.91 -3.76 8.01
CA ASP A 145 -12.93 -2.78 7.68
C ASP A 145 -12.70 -2.24 6.27
N LEU A 146 -11.47 -1.82 6.01
CA LEU A 146 -11.13 -1.27 4.71
C LEU A 146 -11.10 -2.36 3.65
N ARG A 147 -10.60 -3.56 3.96
CA ARG A 147 -10.63 -4.63 2.98
C ARG A 147 -12.06 -4.85 2.49
N GLN A 148 -13.02 -4.87 3.42
CA GLN A 148 -14.37 -5.24 3.02
C GLN A 148 -14.96 -4.14 2.15
N ARG A 149 -14.65 -2.87 2.49
CA ARG A 149 -15.12 -1.77 1.66
C ARG A 149 -14.57 -1.80 0.23
N LEU A 150 -13.29 -2.14 0.07
CA LEU A 150 -12.71 -2.27 -1.25
C LEU A 150 -13.40 -3.37 -2.05
N ILE A 151 -13.62 -4.52 -1.45
CA ILE A 151 -14.27 -5.64 -2.13
C ILE A 151 -15.66 -5.23 -2.63
N ASP A 152 -16.42 -4.59 -1.74
CA ASP A 152 -17.75 -4.12 -2.06
C ASP A 152 -17.77 -3.16 -3.25
N SER A 153 -16.87 -2.18 -3.26
CA SER A 153 -16.80 -1.20 -4.34
C SER A 153 -16.52 -1.92 -5.67
N GLY A 154 -15.56 -2.83 -5.65
CA GLY A 154 -15.23 -3.56 -6.86
C GLY A 154 -16.43 -4.32 -7.41
N ARG A 155 -17.16 -4.98 -6.50
CA ARG A 155 -18.34 -5.73 -6.87
C ARG A 155 -19.36 -4.78 -7.48
N ARG A 156 -19.57 -3.63 -6.85
CA ARG A 156 -20.62 -2.72 -7.31
C ARG A 156 -20.30 -2.20 -8.70
N LEU A 157 -19.02 -2.00 -9.01
CA LEU A 157 -18.61 -1.43 -10.28
C LEU A 157 -18.53 -2.51 -11.35
N GLY A 158 -18.59 -3.79 -10.95
CA GLY A 158 -18.57 -4.89 -11.90
C GLY A 158 -17.17 -5.39 -12.23
N TYR A 159 -16.17 -5.11 -11.40
CA TYR A 159 -14.81 -5.57 -11.66
C TYR A 159 -14.60 -6.87 -10.92
N THR A 160 -13.67 -7.68 -11.39
CA THR A 160 -13.27 -8.86 -10.66
C THR A 160 -12.33 -8.46 -9.53
N VAL A 161 -12.71 -8.87 -8.32
CA VAL A 161 -11.93 -8.62 -7.14
C VAL A 161 -11.83 -9.93 -6.38
N HIS A 162 -10.63 -10.50 -6.32
CA HIS A 162 -10.39 -11.68 -5.49
C HIS A 162 -10.31 -11.25 -4.03
N GLU A 163 -11.05 -11.93 -3.17
CA GLU A 163 -11.34 -11.46 -1.83
C GLU A 163 -10.34 -11.99 -0.82
N ARG A 164 -9.33 -12.73 -1.24
CA ARG A 164 -8.27 -13.10 -0.34
C ARG A 164 -6.98 -13.32 -1.14
N GLY A 165 -5.86 -13.42 -0.46
CA GLY A 165 -4.60 -13.67 -1.12
C GLY A 165 -3.42 -13.47 -0.18
N THR A 166 -2.44 -14.35 -0.33
CA THR A 166 -1.18 -14.18 0.35
C THR A 166 -0.16 -13.53 -0.59
N TYR A 167 0.35 -12.36 -0.20
CA TYR A 167 1.39 -11.62 -0.89
C TYR A 167 2.75 -12.01 -0.36
N VAL A 168 3.62 -12.52 -1.24
CA VAL A 168 5.01 -12.72 -0.94
C VAL A 168 5.77 -11.46 -1.38
N CYS A 169 6.44 -10.82 -0.43
CA CYS A 169 7.20 -9.62 -0.72
C CYS A 169 8.66 -10.00 -0.90
N ILE A 170 9.20 -9.76 -2.10
CA ILE A 170 10.60 -10.06 -2.39
C ILE A 170 11.41 -8.76 -2.42
N GLU A 171 12.75 -8.90 -2.33
CA GLU A 171 13.62 -7.75 -2.20
C GLU A 171 13.78 -6.96 -3.50
N GLY A 172 14.01 -7.66 -4.61
CA GLY A 172 14.28 -7.03 -5.88
C GLY A 172 15.64 -6.32 -5.86
N PRO A 173 15.89 -5.39 -6.78
CA PRO A 173 14.93 -5.05 -7.83
C PRO A 173 14.77 -6.06 -8.96
N ARG A 174 15.72 -7.00 -9.10
CA ARG A 174 15.53 -8.08 -10.05
C ARG A 174 14.29 -8.91 -9.70
N PHE A 175 13.63 -9.41 -10.75
CA PHE A 175 12.56 -10.38 -10.58
C PHE A 175 13.10 -11.75 -10.20
N SER A 176 12.19 -12.65 -9.82
CA SER A 176 12.52 -13.98 -9.33
C SER A 176 13.14 -14.84 -10.44
N THR A 177 14.02 -15.76 -10.03
CA THR A 177 14.41 -16.88 -10.87
C THR A 177 13.25 -17.88 -10.91
N ARG A 178 13.29 -18.78 -11.90
CA ARG A 178 12.31 -19.85 -11.96
C ARG A 178 12.33 -20.70 -10.68
N ALA A 179 13.52 -21.01 -10.14
CA ALA A 179 13.59 -21.83 -8.94
C ALA A 179 12.98 -21.12 -7.73
N GLU A 180 13.15 -19.81 -7.64
CA GLU A 180 12.56 -19.03 -6.56
C GLU A 180 11.06 -19.06 -6.69
N SER A 181 10.58 -18.84 -7.91
CA SER A 181 9.14 -18.70 -8.14
C SER A 181 8.44 -20.02 -7.83
N ARG A 182 9.09 -21.16 -8.11
CA ARG A 182 8.53 -22.46 -7.73
C ARG A 182 8.41 -22.58 -6.21
N VAL A 183 9.38 -22.01 -5.47
CA VAL A 183 9.28 -22.00 -4.02
C VAL A 183 8.08 -21.17 -3.55
N TRP A 184 7.94 -19.95 -4.09
CA TRP A 184 6.85 -19.10 -3.63
C TRP A 184 5.50 -19.77 -3.89
N LYS A 185 5.34 -20.37 -5.09
CA LYS A 185 4.08 -20.95 -5.53
C LYS A 185 3.81 -22.30 -4.88
N ASP A 186 4.77 -23.22 -4.97
CA ASP A 186 4.46 -24.61 -4.68
C ASP A 186 4.82 -24.94 -3.25
N VAL A 187 5.76 -24.21 -2.64
CA VAL A 187 6.18 -24.54 -1.28
C VAL A 187 5.48 -23.60 -0.29
N PHE A 188 5.51 -22.29 -0.52
CA PHE A 188 4.87 -21.35 0.39
C PHE A 188 3.37 -21.21 0.11
N LYS A 189 2.93 -21.58 -1.08
CA LYS A 189 1.52 -21.50 -1.44
C LYS A 189 1.04 -20.05 -1.38
N ALA A 190 1.91 -19.15 -1.80
CA ALA A 190 1.51 -17.76 -1.97
C ALA A 190 0.72 -17.59 -3.26
N ASP A 191 -0.07 -16.51 -3.33
CA ASP A 191 -0.95 -16.20 -4.44
C ASP A 191 -0.43 -15.09 -5.35
N ILE A 192 0.15 -14.03 -4.77
CA ILE A 192 0.62 -12.87 -5.49
C ILE A 192 2.00 -12.48 -4.95
N ILE A 193 2.73 -11.70 -5.76
CA ILE A 193 4.11 -11.34 -5.48
C ILE A 193 4.35 -9.86 -5.82
N GLY A 194 5.05 -9.15 -4.97
CA GLY A 194 5.45 -7.76 -5.18
C GLY A 194 6.69 -7.41 -4.38
N MET A 195 7.07 -6.14 -4.43
CA MET A 195 8.31 -5.72 -3.80
C MET A 195 8.16 -4.62 -2.74
N THR A 196 6.99 -4.02 -2.58
CA THR A 196 6.85 -2.77 -1.84
C THR A 196 6.04 -2.87 -0.54
N LEU A 197 5.37 -3.98 -0.26
CA LEU A 197 4.48 -4.04 0.89
C LEU A 197 5.21 -3.91 2.21
N VAL A 198 6.40 -4.51 2.32
CA VAL A 198 7.17 -4.51 3.55
C VAL A 198 8.37 -3.58 3.36
N PRO A 199 8.68 -2.67 4.30
CA PRO A 199 8.05 -2.56 5.61
C PRO A 199 6.91 -1.57 5.74
N GLU A 200 6.33 -1.16 4.63
CA GLU A 200 5.24 -0.17 4.62
C GLU A 200 4.11 -0.60 5.56
N ILE A 201 3.69 -1.85 5.45
CA ILE A 201 2.59 -2.36 6.27
C ILE A 201 2.98 -2.42 7.75
N ASN A 202 4.21 -2.79 8.06
CA ASN A 202 4.66 -2.88 9.44
C ASN A 202 4.50 -1.53 10.11
N LEU A 203 4.98 -0.51 9.40
CA LEU A 203 5.02 0.84 9.92
C LEU A 203 3.60 1.39 10.06
N ALA A 204 2.73 1.12 9.10
CA ALA A 204 1.34 1.50 9.19
C ALA A 204 0.65 0.94 10.42
N CYS A 205 0.93 -0.35 10.71
CA CYS A 205 0.37 -0.99 11.87
C CYS A 205 0.88 -0.34 13.15
N GLU A 206 2.20 -0.10 13.24
CA GLU A 206 2.76 0.54 14.40
C GLU A 206 2.22 1.95 14.60
N ALA A 207 1.87 2.63 13.52
CA ALA A 207 1.28 3.95 13.64
C ALA A 207 -0.23 3.92 13.90
N GLN A 208 -0.81 2.72 14.08
CA GLN A 208 -2.22 2.57 14.43
C GLN A 208 -3.15 3.06 13.32
N LEU A 209 -2.73 2.85 12.08
CA LEU A 209 -3.54 3.19 10.93
C LEU A 209 -4.32 1.96 10.44
N CYS A 210 -5.46 2.21 9.78
CA CYS A 210 -6.23 1.18 9.12
C CYS A 210 -5.74 1.12 7.67
N TYR A 211 -4.89 0.15 7.35
CA TYR A 211 -4.22 0.05 6.06
C TYR A 211 -4.69 -1.19 5.31
N ALA A 212 -4.98 -1.01 4.03
CA ALA A 212 -5.28 -2.13 3.17
C ALA A 212 -4.71 -1.88 1.78
N THR A 213 -4.48 -2.99 1.07
CA THR A 213 -3.92 -2.98 -0.27
C THR A 213 -4.97 -3.38 -1.31
N LEU A 214 -5.07 -2.54 -2.33
CA LEU A 214 -5.78 -2.85 -3.55
C LEU A 214 -4.71 -3.17 -4.57
N ALA A 215 -4.54 -4.46 -4.86
CA ALA A 215 -3.54 -4.90 -5.80
C ALA A 215 -4.19 -5.17 -7.16
N MET A 216 -3.45 -4.84 -8.19
CA MET A 216 -3.83 -5.17 -9.55
C MET A 216 -2.81 -6.16 -10.10
N VAL A 217 -3.30 -7.28 -10.63
CA VAL A 217 -2.42 -8.28 -11.23
C VAL A 217 -1.98 -7.76 -12.58
N THR A 218 -0.66 -7.69 -12.77
CA THR A 218 -0.09 -7.16 -14.00
C THR A 218 0.58 -8.24 -14.86
N ASP A 219 0.84 -9.42 -14.29
CA ASP A 219 1.66 -10.44 -14.94
C ASP A 219 1.53 -11.77 -14.17
N TYR A 220 1.97 -12.87 -14.79
CA TYR A 220 2.13 -14.19 -14.18
C TYR A 220 3.60 -14.56 -13.83
N ASP A 221 4.36 -13.63 -13.42
CA ASP A 221 5.68 -13.92 -12.86
C ASP A 221 6.50 -14.67 -13.92
N VAL A 222 7.13 -15.79 -13.57
CA VAL A 222 7.90 -16.52 -14.57
C VAL A 222 7.09 -17.58 -15.34
N TRP A 223 5.75 -17.69 -15.14
CA TRP A 223 4.98 -18.86 -15.57
C TRP A 223 4.36 -18.78 -16.95
N ALA A 224 4.18 -17.60 -17.54
CA ALA A 224 3.71 -17.50 -18.91
C ALA A 224 4.88 -17.70 -19.88
N ASP A 225 4.57 -17.98 -21.15
CA ASP A 225 5.60 -18.31 -22.14
C ASP A 225 6.65 -17.19 -22.21
N ARG A 226 6.25 -15.94 -21.86
CA ARG A 226 7.19 -14.85 -21.68
C ARG A 226 7.24 -14.45 -20.19
N PRO A 227 8.43 -14.45 -19.57
CA PRO A 227 8.57 -14.01 -18.18
C PRO A 227 8.28 -12.51 -18.02
N VAL A 228 7.94 -12.07 -16.82
CA VAL A 228 7.64 -10.67 -16.57
C VAL A 228 8.82 -9.77 -16.93
N THR A 229 8.51 -8.57 -17.45
CA THR A 229 9.47 -7.49 -17.66
C THR A 229 8.88 -6.23 -17.03
N ALA A 230 9.75 -5.26 -16.73
CA ALA A 230 9.30 -4.01 -16.13
C ALA A 230 8.38 -3.23 -17.05
N GLU A 231 8.69 -3.22 -18.35
CA GLU A 231 7.89 -2.51 -19.33
C GLU A 231 6.45 -3.07 -19.36
N GLU A 232 6.30 -4.38 -19.29
CA GLU A 232 4.98 -5.00 -19.28
C GLU A 232 4.19 -4.57 -18.04
N VAL A 233 4.83 -4.59 -16.87
CA VAL A 233 4.13 -4.22 -15.65
C VAL A 233 3.57 -2.80 -15.79
N GLU A 234 4.40 -1.89 -16.26
CA GLU A 234 4.06 -0.49 -16.30
C GLU A 234 2.93 -0.30 -17.32
N ARG A 235 3.03 -0.97 -18.48
CA ARG A 235 2.05 -0.81 -19.54
C ARG A 235 0.68 -1.28 -19.06
N VAL A 236 0.67 -2.40 -18.31
CA VAL A 236 -0.58 -2.97 -17.85
C VAL A 236 -1.20 -2.06 -16.80
N MET A 237 -0.40 -1.48 -15.89
CA MET A 237 -0.94 -0.60 -14.86
C MET A 237 -1.53 0.65 -15.50
N ILE A 238 -0.80 1.25 -16.44
CA ILE A 238 -1.23 2.50 -17.05
C ILE A 238 -2.51 2.26 -17.83
N SER A 239 -2.62 1.09 -18.50
CA SER A 239 -3.84 0.67 -19.19
C SER A 239 -5.05 0.57 -18.26
N ASN A 240 -4.85 0.33 -16.97
CA ASN A 240 -5.95 -0.03 -16.07
C ASN A 240 -6.13 1.01 -14.96
N VAL A 241 -5.31 2.07 -14.97
CA VAL A 241 -5.28 3.00 -13.87
C VAL A 241 -6.66 3.62 -13.71
N GLU A 242 -7.39 3.79 -14.83
CA GLU A 242 -8.73 4.36 -14.81
C GLU A 242 -9.70 3.52 -13.97
N ARG A 243 -9.56 2.19 -14.01
CA ARG A 243 -10.41 1.35 -13.18
C ARG A 243 -10.03 1.54 -11.71
N ALA A 244 -8.74 1.77 -11.46
CA ALA A 244 -8.31 1.95 -10.08
C ALA A 244 -8.84 3.27 -9.55
N ARG A 245 -8.81 4.31 -10.39
CA ARG A 245 -9.38 5.61 -10.06
C ARG A 245 -10.87 5.50 -9.75
N ARG A 246 -11.64 4.77 -10.55
CA ARG A 246 -13.08 4.64 -10.34
C ARG A 246 -13.36 3.95 -9.01
N MET A 247 -12.58 2.94 -8.66
CA MET A 247 -12.74 2.37 -7.34
C MET A 247 -12.46 3.35 -6.20
N LEU A 248 -11.38 4.16 -6.30
CA LEU A 248 -11.05 5.14 -5.27
C LEU A 248 -12.18 6.15 -5.11
N TYR A 249 -12.71 6.64 -6.23
CA TYR A 249 -13.81 7.60 -6.16
C TYR A 249 -15.04 7.00 -5.48
N ASP A 250 -15.24 5.69 -5.64
CA ASP A 250 -16.40 5.04 -5.05
C ASP A 250 -16.20 4.84 -3.54
N VAL A 251 -14.98 4.45 -3.14
CA VAL A 251 -14.73 4.05 -1.77
C VAL A 251 -14.56 5.26 -0.86
N ILE A 252 -13.87 6.28 -1.34
CA ILE A 252 -13.38 7.32 -0.44
C ILE A 252 -14.53 8.04 0.27
N PRO A 253 -15.65 8.40 -0.42
CA PRO A 253 -16.74 9.09 0.26
C PRO A 253 -17.29 8.29 1.43
N LYS A 254 -17.19 6.96 1.37
CA LYS A 254 -17.70 6.09 2.43
C LYS A 254 -16.79 6.01 3.64
N LEU A 255 -15.62 6.67 3.59
CA LEU A 255 -14.63 6.66 4.66
C LEU A 255 -14.69 7.96 5.46
N ALA A 256 -15.81 8.67 5.41
CA ALA A 256 -15.91 9.92 6.14
C ALA A 256 -15.76 9.68 7.65
N GLY A 257 -16.16 8.50 8.13
CA GLY A 257 -16.09 8.22 9.56
C GLY A 257 -14.77 7.58 9.94
N GLU A 258 -14.85 6.77 11.01
CA GLU A 258 -13.66 6.18 11.63
C GLU A 258 -13.70 4.68 11.39
N PRO A 259 -12.55 3.98 11.30
CA PRO A 259 -12.57 2.53 11.25
C PRO A 259 -13.21 1.89 12.47
N GLU A 260 -13.92 0.79 12.27
CA GLU A 260 -14.49 0.08 13.41
C GLU A 260 -13.39 -0.66 14.14
N LEU A 261 -13.25 -0.44 15.46
CA LEU A 261 -12.14 -1.01 16.22
C LEU A 261 -12.09 -2.54 16.09
N GLU A 262 -13.26 -3.20 16.15
CA GLU A 262 -13.31 -4.65 16.14
C GLU A 262 -12.91 -5.21 14.77
N ARG A 263 -12.86 -4.35 13.76
CA ARG A 263 -12.45 -4.76 12.43
C ARG A 263 -11.19 -4.02 12.01
N CYS A 264 -10.36 -3.66 12.99
CA CYS A 264 -9.10 -2.95 12.74
C CYS A 264 -8.05 -3.49 13.70
N SER A 265 -7.34 -4.51 13.25
CA SER A 265 -6.38 -5.19 14.10
C SER A 265 -5.29 -4.26 14.65
N CYS A 266 -4.94 -3.19 13.93
CA CYS A 266 -3.80 -2.36 14.36
C CYS A 266 -4.25 -1.05 15.02
N CYS A 267 -5.56 -0.78 15.06
CA CYS A 267 -6.06 0.51 15.52
C CYS A 267 -5.67 0.80 16.97
N ARG A 268 -5.52 -0.26 17.78
CA ARG A 268 -5.03 -0.09 19.15
C ARG A 268 -3.81 -0.97 19.40
N ALA A 269 -2.93 -1.09 18.38
CA ALA A 269 -1.83 -2.07 18.40
C ALA A 269 -0.90 -1.82 19.58
N LEU A 270 -0.67 -0.53 19.92
CA LEU A 270 0.33 -0.18 20.91
C LEU A 270 -0.08 -0.55 22.34
N ASP A 271 -1.39 -0.70 22.60
CA ASP A 271 -1.85 -0.98 23.97
C ASP A 271 -1.17 -2.22 24.56
N THR A 272 -0.92 -3.27 23.79
CA THR A 272 -0.40 -4.49 24.38
C THR A 272 1.01 -4.80 23.85
N ALA A 273 1.56 -3.91 23.02
CA ALA A 273 2.76 -4.19 22.27
C ALA A 273 4.01 -3.56 22.89
N ALA A 274 3.84 -2.59 23.83
CA ALA A 274 4.95 -1.74 24.27
C ALA A 274 5.43 -2.17 25.65
N ILE A 275 6.74 -2.31 25.82
CA ILE A 275 7.31 -2.59 27.12
C ILE A 275 8.51 -1.66 27.40
C1 PEG B . 14.28 -12.71 -2.50
O1 PEG B . 13.84 -11.54 -1.72
C2 PEG B . 14.83 -13.88 -1.67
O2 PEG B . 15.21 -13.46 -0.34
C3 PEG B . 14.90 -14.33 0.76
C4 PEG B . 15.96 -14.22 1.86
O4 PEG B . 15.54 -13.54 3.03
P PO4 C . 4.14 -1.22 -6.62
O1 PO4 C . 4.65 0.09 -5.93
O2 PO4 C . 3.90 -2.17 -5.45
O3 PO4 C . 2.85 -0.92 -7.42
O4 PO4 C . 5.25 -1.70 -7.56
CS MTA D . 7.24 -1.42 -12.64
S5' MTA D . 7.96 -3.06 -12.58
C5' MTA D . 8.36 -3.15 -10.85
C4' MTA D . 7.22 -3.30 -9.89
O4' MTA D . 6.52 -4.51 -10.20
C2' MTA D . 6.81 -4.68 -7.89
O2' MTA D . 6.15 -4.42 -6.65
C3' MTA D . 7.68 -3.52 -8.43
O3' MTA D . 7.68 -2.28 -7.73
C1' MTA D . 5.85 -4.99 -9.04
N9 MTA D . 5.61 -6.39 -9.41
C8 MTA D . 4.81 -6.72 -10.49
N7 MTA D . 4.90 -7.97 -10.87
C5 MTA D . 5.90 -8.48 -10.04
C6 MTA D . 6.47 -9.76 -9.94
N6 MTA D . 6.13 -10.79 -10.74
N1 MTA D . 7.41 -9.95 -9.00
C2 MTA D . 7.71 -8.94 -8.18
N3 MTA D . 7.25 -7.70 -8.18
C4 MTA D . 6.33 -7.53 -9.14
#